data_4JQZ
#
_entry.id   4JQZ
#
_cell.length_a   50.256
_cell.length_b   54.361
_cell.length_c   162.014
_cell.angle_alpha   90.000
_cell.angle_beta   90.000
_cell.angle_gamma   90.000
#
_symmetry.space_group_name_H-M   'P 21 21 21'
#
loop_
_entity.id
_entity.type
_entity.pdbx_description
1 polymer Procaspase-3
2 water water
#
_entity_poly.entity_id   1
_entity_poly.type   'polypeptide(L)'
_entity_poly.pdbx_seq_one_letter_code
;SNADNSYKMDYPEMGLCIIINNKNFHKSTGMTSRSGTDVDAANLRETFRNLKYEVRNKNDLTREEIVELMRDVSKEDHSK
RSSFVCVLLSHGEEGIIFGTNGPVDLKKITNFFRGDRCRSLTGKPKLFIIQAARGTELDCGIETDSGVDDDMACHKIPVE
ADFLYAYSTAPGYYSWRNSKDGSWFIQSLCAMLKQYADKLEFMHILTRVNRKVATEFESFSFDATFHAKKQIPCIVSMLT
KELYFYH
;
_entity_poly.pdbx_strand_id   A,B
#
# COMPACT_ATOMS: atom_id res chain seq x y z
N ALA A 3 -11.94 -10.33 17.91
CA ALA A 3 -12.89 -9.46 17.23
C ALA A 3 -12.28 -8.08 16.96
N ASP A 4 -11.10 -7.84 17.52
CA ASP A 4 -10.42 -6.56 17.35
C ASP A 4 -9.54 -6.57 16.10
N ASN A 5 -10.07 -7.13 15.02
CA ASN A 5 -9.35 -7.20 13.75
C ASN A 5 -9.86 -6.15 12.77
N SER A 6 -11.01 -5.56 13.09
CA SER A 6 -11.58 -4.50 12.28
C SER A 6 -11.63 -3.20 13.08
N TYR A 7 -11.40 -2.08 12.40
CA TYR A 7 -11.48 -0.78 13.05
C TYR A 7 -12.88 -0.52 13.58
N LYS A 8 -12.96 0.12 14.75
CA LYS A 8 -14.24 0.48 15.33
C LYS A 8 -14.90 1.56 14.50
N MET A 9 -15.95 1.19 13.76
CA MET A 9 -16.61 2.12 12.85
C MET A 9 -18.06 2.39 13.25
N ASP A 10 -18.40 2.08 14.49
CA ASP A 10 -19.77 2.29 14.96
C ASP A 10 -19.90 3.52 15.85
N TYR A 11 -18.95 4.44 15.75
CA TYR A 11 -19.04 5.72 16.43
C TYR A 11 -20.23 6.49 15.88
N PRO A 12 -20.80 7.43 16.67
CA PRO A 12 -21.94 8.23 16.25
C PRO A 12 -21.75 8.89 14.89
N GLU A 13 -20.50 9.19 14.52
CA GLU A 13 -20.20 9.78 13.22
C GLU A 13 -19.12 8.99 12.50
N MET A 14 -19.23 8.91 11.17
CA MET A 14 -18.24 8.21 10.37
C MET A 14 -16.93 8.98 10.31
N GLY A 15 -17.02 10.30 10.41
CA GLY A 15 -15.84 11.15 10.40
C GLY A 15 -15.87 12.22 9.32
N LEU A 16 -14.78 12.98 9.23
CA LEU A 16 -14.67 14.06 8.26
C LEU A 16 -14.13 13.56 6.93
N CYS A 17 -14.48 14.26 5.86
CA CYS A 17 -13.93 13.98 4.54
C CYS A 17 -13.57 15.28 3.82
N ILE A 18 -12.31 15.68 3.95
CA ILE A 18 -11.84 16.93 3.36
C ILE A 18 -11.45 16.72 1.90
N ILE A 19 -12.12 17.44 1.00
CA ILE A 19 -11.81 17.37 -0.41
C ILE A 19 -11.19 18.67 -0.90
N ILE A 20 -9.90 18.61 -1.25
CA ILE A 20 -9.19 19.78 -1.74
C ILE A 20 -9.03 19.74 -3.26
N ASN A 21 -9.83 20.55 -3.94
CA ASN A 21 -9.81 20.57 -5.40
C ASN A 21 -8.98 21.72 -5.97
N ASN A 22 -7.69 21.46 -6.17
CA ASN A 22 -6.81 22.44 -6.78
C ASN A 22 -6.78 22.28 -8.29
N LYS A 23 -7.75 22.88 -8.96
CA LYS A 23 -7.89 22.74 -10.40
C LYS A 23 -7.06 23.75 -11.18
N ASN A 24 -6.99 24.98 -10.66
CA ASN A 24 -6.29 26.07 -11.34
C ASN A 24 -6.79 26.31 -12.76
N SER A 35 -15.10 20.64 -16.53
CA SER A 35 -13.72 20.15 -16.58
C SER A 35 -13.63 18.71 -16.08
N GLY A 36 -12.41 18.22 -15.90
CA GLY A 36 -12.17 16.85 -15.48
C GLY A 36 -12.14 16.67 -13.98
N THR A 37 -11.28 17.44 -13.31
CA THR A 37 -11.13 17.34 -11.86
C THR A 37 -12.33 17.89 -11.11
N ASP A 38 -13.17 18.66 -11.80
CA ASP A 38 -14.40 19.15 -11.21
C ASP A 38 -15.43 18.04 -11.11
N VAL A 39 -15.38 17.11 -12.06
CA VAL A 39 -16.24 15.93 -12.03
C VAL A 39 -15.75 14.98 -10.95
N ASP A 40 -14.43 14.95 -10.76
CA ASP A 40 -13.82 14.16 -9.71
C ASP A 40 -14.36 14.58 -8.35
N ALA A 41 -14.27 15.88 -8.07
CA ALA A 41 -14.73 16.43 -6.80
C ALA A 41 -16.23 16.21 -6.60
N ALA A 42 -17.00 16.40 -7.66
CA ALA A 42 -18.45 16.22 -7.60
C ALA A 42 -18.81 14.76 -7.34
N ASN A 43 -17.97 13.86 -7.83
CA ASN A 43 -18.21 12.43 -7.64
C ASN A 43 -17.77 11.97 -6.25
N LEU A 44 -16.66 12.54 -5.77
CA LEU A 44 -16.16 12.22 -4.45
C LEU A 44 -17.07 12.77 -3.36
N ARG A 45 -17.76 13.87 -3.68
CA ARG A 45 -18.75 14.43 -2.76
C ARG A 45 -19.90 13.47 -2.55
N GLU A 46 -20.55 13.08 -3.64
CA GLU A 46 -21.69 12.18 -3.60
C GLU A 46 -21.32 10.83 -3.00
N THR A 47 -20.13 10.33 -3.33
CA THR A 47 -19.68 9.01 -2.87
C THR A 47 -19.53 8.93 -1.36
N PHE A 48 -18.76 9.84 -0.79
CA PHE A 48 -18.52 9.83 0.65
C PHE A 48 -19.70 10.37 1.44
N ARG A 49 -20.62 11.06 0.76
CA ARG A 49 -21.82 11.57 1.41
C ARG A 49 -22.77 10.43 1.73
N ASN A 50 -22.86 9.46 0.82
CA ASN A 50 -23.68 8.29 1.05
C ASN A 50 -23.02 7.34 2.05
N LEU A 51 -21.72 7.52 2.24
CA LEU A 51 -20.99 6.76 3.26
C LEU A 51 -21.09 7.46 4.60
N LYS A 52 -21.98 8.46 4.66
CA LYS A 52 -22.29 9.17 5.90
C LYS A 52 -21.11 9.93 6.50
N TYR A 53 -20.28 10.50 5.62
CA TYR A 53 -19.17 11.34 6.05
C TYR A 53 -19.58 12.81 6.04
N GLU A 54 -18.94 13.62 6.87
CA GLU A 54 -19.13 15.06 6.83
C GLU A 54 -18.14 15.66 5.84
N VAL A 55 -18.62 15.97 4.64
CA VAL A 55 -17.75 16.44 3.57
C VAL A 55 -17.56 17.96 3.57
N ARG A 56 -16.32 18.39 3.70
CA ARG A 56 -15.97 19.80 3.59
C ARG A 56 -15.19 20.03 2.30
N ASN A 57 -15.52 21.10 1.59
CA ASN A 57 -14.95 21.32 0.27
C ASN A 57 -14.09 22.58 0.14
N LYS A 58 -12.92 22.43 -0.46
CA LYS A 58 -12.00 23.54 -0.67
C LYS A 58 -11.59 23.63 -2.14
N ASN A 59 -11.32 24.84 -2.61
CA ASN A 59 -10.94 25.05 -4.00
C ASN A 59 -9.72 25.95 -4.15
N ASP A 60 -8.70 25.44 -4.83
CA ASP A 60 -7.49 26.21 -5.14
C ASP A 60 -6.83 26.83 -3.92
N LEU A 61 -6.41 25.99 -2.98
CA LEU A 61 -5.72 26.46 -1.79
C LEU A 61 -4.22 26.56 -2.04
N THR A 62 -3.60 27.61 -1.50
CA THR A 62 -2.15 27.72 -1.54
C THR A 62 -1.56 26.66 -0.62
N ARG A 63 -0.26 26.40 -0.77
CA ARG A 63 0.38 25.34 0.01
C ARG A 63 0.44 25.66 1.51
N GLU A 64 0.13 26.89 1.87
CA GLU A 64 0.07 27.29 3.27
C GLU A 64 -1.34 27.10 3.80
N GLU A 65 -2.33 27.38 2.97
CA GLU A 65 -3.73 27.23 3.35
C GLU A 65 -4.08 25.77 3.58
N ILE A 66 -3.37 24.87 2.91
CA ILE A 66 -3.57 23.44 3.08
C ILE A 66 -3.06 22.98 4.44
N VAL A 67 -1.85 23.42 4.78
CA VAL A 67 -1.22 23.03 6.05
C VAL A 67 -2.01 23.52 7.26
N GLU A 68 -2.46 24.76 7.21
CA GLU A 68 -3.23 25.33 8.31
C GLU A 68 -4.65 24.74 8.35
N LEU A 69 -5.12 24.23 7.21
CA LEU A 69 -6.40 23.55 7.16
C LEU A 69 -6.33 22.25 7.94
N MET A 70 -5.30 21.45 7.66
CA MET A 70 -5.11 20.19 8.33
C MET A 70 -4.72 20.42 9.79
N ARG A 71 -4.13 21.58 10.06
CA ARG A 71 -3.75 21.95 11.42
C ARG A 71 -5.00 22.19 12.26
N ASP A 72 -5.99 22.88 11.67
CA ASP A 72 -7.23 23.18 12.36
C ASP A 72 -8.08 21.92 12.57
N VAL A 73 -8.11 21.06 11.56
CA VAL A 73 -8.88 19.82 11.62
C VAL A 73 -8.33 18.89 12.71
N SER A 74 -7.01 18.84 12.83
CA SER A 74 -6.36 18.01 13.83
C SER A 74 -6.63 18.50 15.24
N LYS A 75 -7.04 19.76 15.37
CA LYS A 75 -7.34 20.36 16.66
C LYS A 75 -8.83 20.29 16.99
N GLU A 76 -9.59 19.62 16.13
CA GLU A 76 -11.02 19.42 16.38
C GLU A 76 -11.24 18.20 17.27
N ASP A 77 -12.46 18.03 17.74
CA ASP A 77 -12.79 16.89 18.61
C ASP A 77 -13.40 15.75 17.80
N HIS A 78 -12.54 14.82 17.36
CA HIS A 78 -12.99 13.68 16.59
C HIS A 78 -13.36 12.51 17.50
N SER A 79 -13.71 12.83 18.74
CA SER A 79 -14.02 11.80 19.74
C SER A 79 -15.27 11.00 19.35
N LYS A 80 -16.19 11.62 18.64
CA LYS A 80 -17.40 10.93 18.21
C LYS A 80 -17.31 10.50 16.75
N ARG A 81 -16.11 10.55 16.20
CA ARG A 81 -15.88 10.21 14.80
C ARG A 81 -15.08 8.91 14.66
N SER A 82 -15.41 8.13 13.64
CA SER A 82 -14.77 6.83 13.42
C SER A 82 -13.43 6.95 12.70
N SER A 83 -13.38 7.80 11.68
CA SER A 83 -12.18 7.93 10.87
C SER A 83 -11.99 9.33 10.30
N PHE A 84 -10.98 9.50 9.47
CA PHE A 84 -10.72 10.77 8.80
C PHE A 84 -10.21 10.55 7.39
N VAL A 85 -10.88 11.17 6.42
CA VAL A 85 -10.50 11.03 5.01
C VAL A 85 -10.10 12.40 4.45
N CYS A 86 -9.00 12.44 3.71
CA CYS A 86 -8.56 13.66 3.06
C CYS A 86 -8.22 13.41 1.60
N VAL A 87 -9.01 13.98 0.70
CA VAL A 87 -8.79 13.81 -0.73
C VAL A 87 -8.10 15.03 -1.32
N LEU A 88 -6.95 14.80 -1.94
CA LEU A 88 -6.16 15.89 -2.51
C LEU A 88 -6.10 15.80 -4.04
N LEU A 89 -6.60 16.83 -4.70
CA LEU A 89 -6.62 16.88 -6.16
C LEU A 89 -5.78 18.05 -6.67
N SER A 90 -4.56 17.75 -7.10
CA SER A 90 -3.67 18.79 -7.59
C SER A 90 -3.04 18.41 -8.93
N HIS A 91 -2.13 19.24 -9.42
CA HIS A 91 -1.48 18.99 -10.70
C HIS A 91 -0.10 19.63 -10.78
N GLY A 92 0.73 19.13 -11.70
CA GLY A 92 2.08 19.63 -11.86
C GLY A 92 3.10 18.54 -11.65
N GLU A 93 4.36 18.84 -11.92
CA GLU A 93 5.44 17.88 -11.73
C GLU A 93 6.27 18.21 -10.49
N GLU A 94 7.27 17.37 -10.23
CA GLU A 94 8.14 17.52 -9.06
C GLU A 94 7.34 17.57 -7.76
N GLY A 95 6.70 16.44 -7.42
CA GLY A 95 5.91 16.35 -6.21
C GLY A 95 4.67 15.51 -6.39
N ILE A 96 3.90 15.35 -5.31
CA ILE A 96 2.67 14.58 -5.35
C ILE A 96 1.47 15.40 -4.89
N ILE A 97 1.75 16.46 -4.12
CA ILE A 97 0.70 17.35 -3.64
C ILE A 97 1.11 18.79 -3.93
N PHE A 98 0.22 19.56 -4.55
CA PHE A 98 0.55 20.92 -4.95
C PHE A 98 -0.50 21.92 -4.51
N GLY A 99 -0.05 23.07 -4.02
CA GLY A 99 -0.92 24.21 -3.80
C GLY A 99 -0.97 25.01 -5.09
N THR A 100 -1.59 26.18 -5.04
CA THR A 100 -1.63 27.04 -6.22
C THR A 100 -0.33 27.81 -6.36
N ASN A 101 0.54 27.68 -5.37
CA ASN A 101 1.80 28.43 -5.34
C ASN A 101 3.04 27.54 -5.21
N GLY A 102 2.82 26.24 -5.10
CA GLY A 102 3.93 25.30 -4.99
C GLY A 102 3.53 23.94 -4.45
N PRO A 103 4.48 23.01 -4.38
CA PRO A 103 4.24 21.65 -3.89
C PRO A 103 4.20 21.57 -2.38
N VAL A 104 3.31 20.75 -1.85
CA VAL A 104 3.20 20.56 -0.40
C VAL A 104 3.85 19.25 -0.02
N ASP A 105 4.61 19.25 1.08
CA ASP A 105 5.24 18.05 1.57
C ASP A 105 4.28 17.28 2.47
N LEU A 106 4.03 16.02 2.13
CA LEU A 106 3.11 15.17 2.90
C LEU A 106 3.60 14.96 4.33
N LYS A 107 4.91 15.11 4.52
CA LYS A 107 5.51 15.00 5.84
C LYS A 107 4.96 16.06 6.78
N LYS A 108 4.54 17.19 6.22
CA LYS A 108 4.03 18.30 7.01
C LYS A 108 2.52 18.21 7.23
N ILE A 109 1.83 17.62 6.27
CA ILE A 109 0.37 17.46 6.37
C ILE A 109 -0.01 16.38 7.38
N THR A 110 0.72 15.28 7.37
CA THR A 110 0.37 14.12 8.20
C THR A 110 0.85 14.23 9.65
N ASN A 111 1.85 15.07 9.89
CA ASN A 111 2.42 15.21 11.23
C ASN A 111 1.41 15.64 12.29
N PHE A 112 0.41 16.41 11.89
CA PHE A 112 -0.61 16.89 12.82
C PHE A 112 -1.48 15.75 13.33
N PHE A 113 -1.60 14.69 12.53
CA PHE A 113 -2.50 13.59 12.84
C PHE A 113 -1.79 12.37 13.42
N ARG A 114 -0.56 12.56 13.91
CA ARG A 114 0.15 11.48 14.58
C ARG A 114 -0.55 11.12 15.88
N GLY A 115 -0.38 9.87 16.32
CA GLY A 115 -1.08 9.36 17.48
C GLY A 115 -0.97 10.21 18.73
N ASP A 116 0.24 10.70 19.00
CA ASP A 116 0.50 11.52 20.17
C ASP A 116 -0.05 12.93 20.00
N ARG A 117 0.02 13.45 18.77
CA ARG A 117 -0.46 14.80 18.49
C ARG A 117 -1.98 14.89 18.48
N CYS A 118 -2.63 13.89 17.89
CA CYS A 118 -4.09 13.88 17.81
C CYS A 118 -4.68 12.77 18.66
N ARG A 119 -5.14 13.13 19.86
CA ARG A 119 -5.71 12.18 20.79
C ARG A 119 -7.03 11.61 20.27
N SER A 120 -7.76 12.45 19.53
CA SER A 120 -9.09 12.10 19.04
C SER A 120 -9.05 10.99 17.98
N LEU A 121 -8.04 11.04 17.12
CA LEU A 121 -7.93 10.08 16.03
C LEU A 121 -6.85 9.03 16.28
N THR A 122 -6.65 8.68 17.54
CA THR A 122 -5.67 7.67 17.91
C THR A 122 -6.29 6.28 17.82
N GLY A 123 -5.67 5.41 17.03
CA GLY A 123 -6.19 4.06 16.83
C GLY A 123 -7.23 4.03 15.73
N LYS A 124 -7.47 5.19 15.11
CA LYS A 124 -8.45 5.33 14.05
C LYS A 124 -7.75 5.53 12.71
N PRO A 125 -8.33 5.00 11.63
CA PRO A 125 -7.71 5.09 10.30
C PRO A 125 -7.76 6.50 9.70
N LYS A 126 -6.60 6.99 9.27
CA LYS A 126 -6.53 8.25 8.55
C LYS A 126 -6.26 8.00 7.08
N LEU A 127 -7.24 8.30 6.24
CA LEU A 127 -7.14 8.01 4.81
C LEU A 127 -6.78 9.26 3.99
N PHE A 128 -5.71 9.15 3.21
CA PHE A 128 -5.29 10.25 2.35
C PHE A 128 -5.28 9.83 0.89
N ILE A 129 -6.33 10.20 0.16
CA ILE A 129 -6.45 9.87 -1.25
C ILE A 129 -5.81 10.96 -2.09
N ILE A 130 -4.71 10.63 -2.76
CA ILE A 130 -3.94 11.63 -3.49
C ILE A 130 -3.97 11.41 -5.00
N GLN A 131 -4.36 12.44 -5.73
CA GLN A 131 -4.34 12.41 -7.19
C GLN A 131 -3.41 13.50 -7.73
N ALA A 132 -2.32 13.09 -8.36
CA ALA A 132 -1.35 14.04 -8.89
C ALA A 132 -1.35 14.05 -10.41
N ALA A 133 -2.10 14.99 -10.99
CA ALA A 133 -2.17 15.13 -12.43
C ALA A 133 -0.86 15.68 -12.98
N ARG A 134 -0.46 15.21 -14.16
CA ARG A 134 0.78 15.66 -14.79
C ARG A 134 0.49 16.41 -16.08
N LYS A 156 9.55 11.51 0.07
CA LYS A 156 9.70 10.64 1.23
C LYS A 156 8.36 10.43 1.93
N ILE A 157 7.85 9.20 1.87
CA ILE A 157 6.57 8.88 2.48
C ILE A 157 6.66 8.73 3.99
N PRO A 158 5.83 9.49 4.73
CA PRO A 158 5.79 9.43 6.19
C PRO A 158 5.17 8.12 6.68
N VAL A 159 5.97 7.28 7.34
CA VAL A 159 5.49 6.01 7.85
C VAL A 159 4.95 6.16 9.27
N GLU A 160 3.63 6.24 9.39
CA GLU A 160 2.97 6.37 10.68
C GLU A 160 1.81 5.39 10.80
N ALA A 161 1.61 4.87 12.01
CA ALA A 161 0.58 3.86 12.26
C ALA A 161 -0.82 4.39 11.96
N ASP A 162 -1.69 3.50 11.49
CA ASP A 162 -3.07 3.81 11.16
C ASP A 162 -3.21 4.88 10.07
N PHE A 163 -2.23 4.92 9.17
CA PHE A 163 -2.27 5.83 8.03
C PHE A 163 -2.34 5.04 6.73
N LEU A 164 -2.97 5.62 5.71
CA LEU A 164 -3.06 5.00 4.40
C LEU A 164 -3.04 6.05 3.29
N TYR A 165 -2.28 5.77 2.24
CA TYR A 165 -2.18 6.69 1.11
C TYR A 165 -2.52 6.00 -0.20
N ALA A 166 -3.65 6.37 -0.80
CA ALA A 166 -4.00 5.91 -2.13
C ALA A 166 -3.46 6.89 -3.15
N TYR A 167 -2.29 6.58 -3.71
CA TYR A 167 -1.57 7.51 -4.57
C TYR A 167 -1.67 7.16 -6.04
N SER A 168 -2.09 8.12 -6.85
CA SER A 168 -2.22 7.92 -8.29
C SER A 168 -1.50 9.02 -9.06
N THR A 169 -1.07 8.70 -10.28
CA THR A 169 -0.36 9.64 -11.13
C THR A 169 -0.64 9.39 -12.61
N ALA A 170 -1.64 10.08 -13.14
CA ALA A 170 -2.02 9.91 -14.54
C ALA A 170 -2.17 11.24 -15.25
N PRO A 171 -1.43 11.41 -16.36
CA PRO A 171 -1.48 12.63 -17.18
C PRO A 171 -2.47 12.49 -18.33
N ARG A 177 -8.87 17.00 -17.68
CA ARG A 177 -8.95 18.44 -17.81
C ARG A 177 -10.24 18.89 -18.51
N ASN A 178 -10.65 18.15 -19.54
CA ASN A 178 -11.90 18.42 -20.25
C ASN A 178 -12.79 17.18 -20.31
N SER A 179 -12.34 16.13 -19.63
CA SER A 179 -13.03 14.85 -19.65
C SER A 179 -14.43 14.94 -19.05
N LYS A 180 -15.39 14.31 -19.71
CA LYS A 180 -16.76 14.26 -19.21
C LYS A 180 -16.86 13.33 -18.00
N ASP A 181 -15.91 12.39 -17.92
CA ASP A 181 -15.85 11.45 -16.81
C ASP A 181 -14.87 11.93 -15.75
N GLY A 182 -13.76 12.52 -16.19
CA GLY A 182 -12.75 13.01 -15.27
C GLY A 182 -11.56 12.06 -15.19
N SER A 183 -10.91 12.06 -14.02
CA SER A 183 -9.77 11.19 -13.78
C SER A 183 -10.18 9.72 -13.75
N TRP A 184 -9.26 8.84 -14.12
CA TRP A 184 -9.53 7.41 -14.13
C TRP A 184 -9.54 6.83 -12.72
N PHE A 185 -8.54 7.17 -11.93
CA PHE A 185 -8.41 6.65 -10.57
C PHE A 185 -9.58 7.04 -9.68
N ILE A 186 -10.00 8.30 -9.77
CA ILE A 186 -11.10 8.81 -8.95
C ILE A 186 -12.43 8.17 -9.33
N GLN A 187 -12.74 8.18 -10.63
CA GLN A 187 -14.00 7.62 -11.11
C GLN A 187 -14.08 6.11 -10.91
N SER A 188 -12.93 5.46 -10.85
CA SER A 188 -12.88 4.03 -10.56
C SER A 188 -13.02 3.79 -9.07
N LEU A 189 -12.44 4.68 -8.27
CA LEU A 189 -12.52 4.60 -6.82
C LEU A 189 -13.95 4.84 -6.35
N CYS A 190 -14.60 5.84 -6.92
CA CYS A 190 -15.97 6.17 -6.57
C CYS A 190 -16.94 5.06 -6.98
N ALA A 191 -16.67 4.44 -8.13
CA ALA A 191 -17.53 3.37 -8.63
C ALA A 191 -17.33 2.10 -7.83
N MET A 192 -16.10 1.85 -7.40
CA MET A 192 -15.78 0.64 -6.64
C MET A 192 -16.25 0.78 -5.20
N LEU A 193 -16.28 2.01 -4.70
CA LEU A 193 -16.76 2.28 -3.34
C LEU A 193 -18.29 2.26 -3.27
N LYS A 194 -18.93 2.80 -4.29
CA LYS A 194 -20.39 2.84 -4.33
C LYS A 194 -21.01 1.46 -4.57
N GLN A 195 -20.15 0.48 -4.84
CA GLN A 195 -20.62 -0.86 -5.17
C GLN A 195 -20.18 -1.92 -4.15
N TYR A 196 -18.96 -1.77 -3.63
CA TYR A 196 -18.37 -2.81 -2.79
C TYR A 196 -18.13 -2.42 -1.33
N ALA A 197 -18.56 -1.22 -0.94
CA ALA A 197 -18.38 -0.78 0.44
C ALA A 197 -19.26 -1.58 1.40
N ASP A 198 -20.31 -2.18 0.87
CA ASP A 198 -21.24 -2.95 1.68
C ASP A 198 -20.71 -4.36 1.98
N LYS A 199 -19.67 -4.76 1.27
CA LYS A 199 -19.16 -6.13 1.38
C LYS A 199 -17.64 -6.20 1.53
N LEU A 200 -16.92 -5.46 0.69
CA LEU A 200 -15.46 -5.55 0.66
C LEU A 200 -14.77 -4.63 1.65
N GLU A 201 -13.58 -5.03 2.08
CA GLU A 201 -12.74 -4.19 2.93
C GLU A 201 -12.01 -3.20 2.04
N PHE A 202 -11.52 -2.11 2.62
CA PHE A 202 -10.94 -1.01 1.85
C PHE A 202 -9.77 -1.44 0.96
N MET A 203 -8.91 -2.31 1.47
CA MET A 203 -7.76 -2.79 0.71
C MET A 203 -8.18 -3.58 -0.52
N HIS A 204 -9.27 -4.33 -0.39
CA HIS A 204 -9.79 -5.11 -1.49
C HIS A 204 -10.51 -4.22 -2.51
N ILE A 205 -11.06 -3.11 -2.01
CA ILE A 205 -11.69 -2.13 -2.90
C ILE A 205 -10.62 -1.42 -3.72
N LEU A 206 -9.55 -1.00 -3.04
CA LEU A 206 -8.44 -0.33 -3.70
C LEU A 206 -7.71 -1.26 -4.67
N THR A 207 -7.72 -2.54 -4.35
CA THR A 207 -7.07 -3.54 -5.20
C THR A 207 -7.81 -3.66 -6.54
N ARG A 208 -9.14 -3.59 -6.49
CA ARG A 208 -9.94 -3.63 -7.70
C ARG A 208 -9.82 -2.33 -8.50
N VAL A 209 -9.57 -1.24 -7.79
CA VAL A 209 -9.32 0.05 -8.43
C VAL A 209 -8.02 0.00 -9.21
N ASN A 210 -7.01 -0.61 -8.60
CA ASN A 210 -5.71 -0.81 -9.26
C ASN A 210 -5.85 -1.61 -10.55
N ARG A 211 -6.67 -2.66 -10.51
CA ARG A 211 -6.88 -3.53 -11.65
C ARG A 211 -7.60 -2.80 -12.79
N LYS A 212 -8.49 -1.89 -12.43
CA LYS A 212 -9.28 -1.17 -13.42
C LYS A 212 -8.49 -0.07 -14.11
N VAL A 213 -7.69 0.66 -13.33
CA VAL A 213 -6.85 1.73 -13.89
C VAL A 213 -5.74 1.13 -14.75
N ALA A 214 -5.20 0.00 -14.31
CA ALA A 214 -4.15 -0.69 -15.06
C ALA A 214 -4.70 -1.27 -16.37
N THR A 215 -5.97 -1.65 -16.36
CA THR A 215 -6.62 -2.19 -17.54
C THR A 215 -6.78 -1.11 -18.61
N GLU A 216 -7.11 0.10 -18.16
CA GLU A 216 -7.27 1.23 -19.06
C GLU A 216 -5.95 1.68 -19.66
N PHE A 217 -4.85 1.38 -18.97
CA PHE A 217 -3.51 1.71 -19.44
C PHE A 217 -3.11 0.84 -20.63
N GLU A 218 -3.61 -0.39 -20.66
CA GLU A 218 -3.30 -1.32 -21.74
C GLU A 218 -3.83 -0.81 -23.07
N SER A 219 -5.04 -0.27 -23.06
CA SER A 219 -5.66 0.24 -24.27
C SER A 219 -5.49 1.76 -24.37
N ILE A 232 -0.03 2.87 -12.80
CA ILE A 232 -0.86 2.15 -11.84
C ILE A 232 -0.86 2.86 -10.49
N PRO A 233 -2.04 2.99 -9.87
CA PRO A 233 -2.16 3.59 -8.53
C PRO A 233 -1.27 2.87 -7.51
N CYS A 234 -0.80 3.60 -6.51
CA CYS A 234 0.05 3.03 -5.48
C CYS A 234 -0.62 3.09 -4.11
N ILE A 235 -0.57 1.98 -3.38
CA ILE A 235 -1.20 1.91 -2.07
C ILE A 235 -0.16 1.76 -0.97
N VAL A 236 -0.08 2.75 -0.08
CA VAL A 236 0.82 2.69 1.05
C VAL A 236 0.02 2.57 2.35
N SER A 237 0.01 1.37 2.92
CA SER A 237 -0.84 1.11 4.09
C SER A 237 -0.04 0.79 5.35
N MET A 238 -0.34 1.53 6.40
CA MET A 238 0.19 1.23 7.73
C MET A 238 -0.96 1.00 8.70
N LEU A 239 -2.09 0.55 8.17
CA LEU A 239 -3.26 0.27 8.99
C LEU A 239 -3.03 -0.98 9.84
N THR A 240 -3.48 -0.93 11.09
CA THR A 240 -3.30 -2.04 12.01
C THR A 240 -4.53 -2.94 12.05
N LYS A 241 -5.64 -2.44 11.51
CA LYS A 241 -6.87 -3.22 11.48
C LYS A 241 -7.52 -3.18 10.10
N GLU A 242 -8.57 -3.98 9.91
CA GLU A 242 -9.32 -3.98 8.67
C GLU A 242 -10.32 -2.84 8.67
N LEU A 243 -10.57 -2.27 7.49
CA LEU A 243 -11.47 -1.13 7.37
C LEU A 243 -12.71 -1.42 6.54
N TYR A 244 -13.84 -1.58 7.21
CA TYR A 244 -15.12 -1.75 6.53
C TYR A 244 -15.98 -0.51 6.74
N PHE A 245 -16.70 -0.10 5.70
CA PHE A 245 -17.50 1.11 5.77
C PHE A 245 -18.94 0.82 6.20
N TYR A 246 -19.10 -0.09 7.17
CA TYR A 246 -20.41 -0.40 7.72
C TYR A 246 -20.32 -0.87 9.17
N HIS A 247 -21.46 -0.93 9.84
CA HIS A 247 -21.51 -1.32 11.24
C HIS A 247 -22.89 -1.84 11.63
N ALA B 3 -14.53 -15.37 -8.98
CA ALA B 3 -13.21 -15.79 -8.51
C ALA B 3 -12.10 -15.18 -9.35
N ASP B 4 -12.46 -14.26 -10.24
CA ASP B 4 -11.51 -13.58 -11.09
C ASP B 4 -10.90 -12.39 -10.36
N ASN B 5 -11.27 -12.24 -9.10
CA ASN B 5 -10.75 -11.15 -8.26
C ASN B 5 -9.54 -11.60 -7.45
N SER B 6 -9.14 -12.85 -7.66
CA SER B 6 -8.00 -13.41 -6.95
C SER B 6 -6.91 -13.84 -7.92
N TYR B 7 -5.71 -14.07 -7.41
CA TYR B 7 -4.61 -14.56 -8.23
C TYR B 7 -4.71 -16.07 -8.42
N LYS B 8 -4.23 -16.54 -9.58
CA LYS B 8 -4.22 -17.97 -9.87
C LYS B 8 -3.08 -18.64 -9.10
N MET B 9 -3.42 -19.28 -7.99
CA MET B 9 -2.41 -19.91 -7.15
C MET B 9 -2.54 -21.43 -7.15
N ASP B 10 -3.01 -21.97 -8.28
CA ASP B 10 -3.13 -23.42 -8.42
C ASP B 10 -2.23 -23.98 -9.51
N TYR B 11 -1.19 -23.22 -9.86
CA TYR B 11 -0.16 -23.68 -10.78
C TYR B 11 0.55 -24.90 -10.18
N PRO B 12 1.24 -25.69 -11.01
CA PRO B 12 2.01 -26.85 -10.54
C PRO B 12 2.90 -26.53 -9.34
N GLU B 13 3.47 -25.33 -9.30
CA GLU B 13 4.29 -24.91 -8.17
C GLU B 13 3.72 -23.64 -7.54
N MET B 14 4.41 -23.13 -6.53
CA MET B 14 4.04 -21.87 -5.92
C MET B 14 4.96 -20.76 -6.43
N GLY B 15 6.25 -21.06 -6.50
CA GLY B 15 7.22 -20.10 -7.01
C GLY B 15 8.52 -20.11 -6.22
N LEU B 16 9.38 -19.15 -6.53
CA LEU B 16 10.68 -19.04 -5.87
C LEU B 16 10.62 -18.17 -4.62
N CYS B 17 11.44 -18.50 -3.64
CA CYS B 17 11.55 -17.70 -2.43
C CYS B 17 13.01 -17.39 -2.14
N ILE B 18 13.54 -16.38 -2.82
CA ILE B 18 14.94 -15.99 -2.66
C ILE B 18 15.15 -15.22 -1.36
N ILE B 19 15.81 -15.84 -0.40
CA ILE B 19 16.11 -15.19 0.86
C ILE B 19 17.56 -14.75 0.91
N ILE B 20 17.81 -13.47 0.66
CA ILE B 20 19.15 -12.93 0.65
C ILE B 20 19.54 -12.36 2.01
N ASN B 21 20.50 -13.01 2.67
CA ASN B 21 20.93 -12.61 4.00
C ASN B 21 22.24 -11.83 3.97
N ASN B 22 22.17 -10.55 4.35
CA ASN B 22 23.35 -9.70 4.41
C ASN B 22 23.59 -9.12 5.80
N LYS B 23 24.12 -9.95 6.71
CA LYS B 23 24.41 -9.50 8.06
C LYS B 23 25.86 -9.04 8.16
N ASN B 24 26.71 -9.56 7.27
CA ASN B 24 28.12 -9.23 7.27
C ASN B 24 28.54 -8.44 6.03
N THR B 37 20.28 -12.34 12.02
CA THR B 37 19.31 -12.49 10.95
C THR B 37 19.16 -13.96 10.57
N ASP B 38 20.06 -14.79 11.05
CA ASP B 38 20.04 -16.22 10.76
C ASP B 38 18.88 -16.91 11.46
N VAL B 39 18.44 -16.32 12.57
CA VAL B 39 17.26 -16.80 13.27
C VAL B 39 16.02 -16.54 12.43
N ASP B 40 16.07 -15.46 11.65
CA ASP B 40 14.99 -15.08 10.76
C ASP B 40 15.05 -15.85 9.44
N ALA B 41 16.26 -16.00 8.91
CA ALA B 41 16.46 -16.68 7.62
C ALA B 41 15.97 -18.12 7.65
N ALA B 42 16.17 -18.79 8.79
CA ALA B 42 15.70 -20.15 8.97
C ALA B 42 14.19 -20.15 9.24
N ASN B 43 13.73 -19.14 9.95
CA ASN B 43 12.31 -18.99 10.25
C ASN B 43 11.52 -18.69 8.99
N LEU B 44 12.12 -17.94 8.08
CA LEU B 44 11.51 -17.63 6.79
C LEU B 44 11.54 -18.85 5.87
N ARG B 45 12.62 -19.61 5.96
CA ARG B 45 12.78 -20.82 5.15
C ARG B 45 11.70 -21.85 5.50
N GLU B 46 11.64 -22.24 6.76
CA GLU B 46 10.66 -23.22 7.22
C GLU B 46 9.23 -22.78 6.95
N THR B 47 8.98 -21.47 7.04
CA THR B 47 7.66 -20.92 6.82
C THR B 47 7.22 -21.07 5.37
N PHE B 48 8.07 -20.63 4.44
CA PHE B 48 7.74 -20.67 3.03
C PHE B 48 7.84 -22.07 2.43
N ARG B 49 8.54 -22.97 3.12
CA ARG B 49 8.58 -24.37 2.68
C ARG B 49 7.24 -25.05 2.93
N ASN B 50 6.59 -24.68 4.03
CA ASN B 50 5.26 -25.19 4.32
C ASN B 50 4.23 -24.63 3.35
N LEU B 51 4.58 -23.51 2.72
CA LEU B 51 3.73 -22.90 1.70
C LEU B 51 4.09 -23.44 0.32
N LYS B 52 4.86 -24.52 0.29
CA LYS B 52 5.22 -25.21 -0.94
C LYS B 52 6.01 -24.33 -1.93
N TYR B 53 6.85 -23.45 -1.39
CA TYR B 53 7.69 -22.60 -2.23
C TYR B 53 9.05 -23.23 -2.46
N GLU B 54 9.80 -22.67 -3.41
CA GLU B 54 11.16 -23.14 -3.69
C GLU B 54 12.17 -22.19 -3.07
N VAL B 55 12.49 -22.43 -1.80
CA VAL B 55 13.33 -21.52 -1.02
C VAL B 55 14.81 -21.64 -1.38
N ARG B 56 15.45 -20.51 -1.61
CA ARG B 56 16.88 -20.45 -1.89
C ARG B 56 17.55 -19.40 -1.01
N ASN B 57 18.29 -19.86 0.00
CA ASN B 57 18.95 -18.96 0.93
C ASN B 57 20.33 -18.50 0.43
N LYS B 58 20.50 -17.20 0.31
CA LYS B 58 21.77 -16.61 -0.08
C LYS B 58 22.38 -15.84 1.08
N ASN B 59 23.70 -15.78 1.13
CA ASN B 59 24.39 -15.14 2.25
C ASN B 59 25.54 -14.23 1.84
N ASP B 60 25.50 -12.99 2.32
CA ASP B 60 26.57 -12.02 2.11
C ASP B 60 26.92 -11.82 0.64
N LEU B 61 25.93 -11.42 -0.16
CA LEU B 61 26.15 -11.19 -1.58
C LEU B 61 26.55 -9.75 -1.84
N THR B 62 27.59 -9.55 -2.65
CA THR B 62 27.98 -8.22 -3.08
C THR B 62 26.90 -7.64 -3.97
N ARG B 63 26.89 -6.33 -4.15
CA ARG B 63 25.83 -5.68 -4.90
C ARG B 63 25.79 -6.09 -6.37
N GLU B 64 26.93 -6.54 -6.88
CA GLU B 64 27.00 -7.03 -8.25
C GLU B 64 26.43 -8.44 -8.34
N GLU B 65 26.59 -9.20 -7.26
CA GLU B 65 26.09 -10.58 -7.20
C GLU B 65 24.58 -10.61 -7.02
N ILE B 66 24.05 -9.64 -6.27
CA ILE B 66 22.61 -9.52 -6.09
C ILE B 66 21.93 -9.23 -7.42
N VAL B 67 22.48 -8.27 -8.16
CA VAL B 67 21.95 -7.93 -9.48
C VAL B 67 22.07 -9.12 -10.43
N GLU B 68 23.20 -9.82 -10.36
CA GLU B 68 23.43 -11.00 -11.19
C GLU B 68 22.40 -12.08 -10.92
N LEU B 69 22.12 -12.32 -9.64
CA LEU B 69 21.17 -13.34 -9.24
C LEU B 69 19.75 -13.05 -9.73
N MET B 70 19.26 -11.86 -9.42
CA MET B 70 17.90 -11.47 -9.77
C MET B 70 17.70 -11.39 -11.28
N ARG B 71 18.78 -11.15 -12.01
CA ARG B 71 18.72 -11.10 -13.46
C ARG B 71 18.57 -12.50 -14.07
N ASP B 72 19.30 -13.47 -13.50
CA ASP B 72 19.23 -14.85 -13.96
C ASP B 72 17.89 -15.48 -13.63
N VAL B 73 17.30 -15.08 -12.50
CA VAL B 73 16.00 -15.58 -12.09
C VAL B 73 14.91 -15.10 -13.05
N SER B 74 15.07 -13.87 -13.54
CA SER B 74 14.13 -13.30 -14.50
C SER B 74 14.15 -14.08 -15.81
N LYS B 75 15.29 -14.71 -16.10
CA LYS B 75 15.45 -15.48 -17.32
C LYS B 75 14.93 -16.91 -17.15
N GLU B 76 14.68 -17.31 -15.90
CA GLU B 76 14.16 -18.63 -15.61
C GLU B 76 12.74 -18.82 -16.13
N ASP B 77 12.29 -20.06 -16.17
CA ASP B 77 10.95 -20.38 -16.64
C ASP B 77 10.00 -20.55 -15.46
N HIS B 78 9.23 -19.50 -15.17
CA HIS B 78 8.27 -19.54 -14.07
C HIS B 78 6.87 -19.87 -14.59
N SER B 79 6.81 -20.58 -15.72
CA SER B 79 5.55 -20.90 -16.37
C SER B 79 4.70 -21.85 -15.51
N LYS B 80 5.36 -22.61 -14.65
CA LYS B 80 4.68 -23.56 -13.79
C LYS B 80 4.56 -23.01 -12.37
N ARG B 81 5.12 -21.83 -12.16
CA ARG B 81 5.15 -21.21 -10.84
C ARG B 81 4.04 -20.16 -10.68
N SER B 82 3.45 -20.11 -9.49
CA SER B 82 2.33 -19.23 -9.23
C SER B 82 2.75 -17.79 -8.97
N SER B 83 3.82 -17.63 -8.19
CA SER B 83 4.28 -16.30 -7.80
C SER B 83 5.80 -16.24 -7.64
N PHE B 84 6.27 -15.15 -7.04
CA PHE B 84 7.70 -14.97 -6.78
C PHE B 84 7.91 -14.14 -5.52
N VAL B 85 8.61 -14.71 -4.55
CA VAL B 85 8.87 -14.02 -3.29
C VAL B 85 10.36 -13.75 -3.13
N CYS B 86 10.71 -12.50 -2.81
CA CYS B 86 12.09 -12.13 -2.58
C CYS B 86 12.27 -11.45 -1.23
N VAL B 87 13.09 -12.04 -0.38
CA VAL B 87 13.33 -11.51 0.95
C VAL B 87 14.73 -10.90 1.07
N LEU B 88 14.79 -9.64 1.46
CA LEU B 88 16.06 -8.93 1.57
C LEU B 88 16.33 -8.50 3.01
N LEU B 89 17.41 -9.03 3.59
CA LEU B 89 17.78 -8.71 4.96
C LEU B 89 19.14 -8.01 5.01
N SER B 90 19.14 -6.74 5.37
CA SER B 90 20.38 -5.97 5.48
C SER B 90 20.17 -4.69 6.29
N ILE B 97 18.18 -1.17 -0.24
CA ILE B 97 18.89 -2.19 0.54
C ILE B 97 20.39 -2.13 0.28
N PHE B 98 21.16 -2.57 1.28
CA PHE B 98 22.63 -2.54 1.18
C PHE B 98 23.21 -3.93 0.93
N GLY B 99 24.00 -4.05 -0.13
CA GLY B 99 24.80 -5.24 -0.34
C GLY B 99 26.07 -5.10 0.48
N THR B 100 26.82 -6.18 0.63
CA THR B 100 28.06 -6.14 1.41
C THR B 100 29.10 -5.26 0.72
N ASN B 101 28.98 -5.14 -0.60
CA ASN B 101 29.90 -4.30 -1.37
C ASN B 101 29.48 -2.85 -1.36
N GLY B 102 28.17 -2.60 -1.45
CA GLY B 102 27.64 -1.25 -1.44
C GLY B 102 26.12 -1.23 -1.45
N PRO B 103 25.54 -0.06 -1.69
CA PRO B 103 24.08 0.10 -1.72
C PRO B 103 23.49 -0.16 -3.10
N VAL B 104 22.49 -1.05 -3.16
CA VAL B 104 21.81 -1.34 -4.41
C VAL B 104 20.51 -0.53 -4.53
N ASP B 105 20.28 0.05 -5.70
CA ASP B 105 19.00 0.65 -6.00
C ASP B 105 17.97 -0.46 -6.23
N LEU B 106 16.87 -0.40 -5.49
CA LEU B 106 15.82 -1.41 -5.57
C LEU B 106 15.27 -1.53 -6.99
N LYS B 107 15.30 -0.43 -7.73
CA LYS B 107 14.79 -0.40 -9.10
C LYS B 107 15.60 -1.31 -10.00
N LYS B 108 16.91 -1.37 -9.77
CA LYS B 108 17.80 -2.21 -10.57
C LYS B 108 17.43 -3.68 -10.43
N ILE B 109 16.78 -4.02 -9.32
CA ILE B 109 16.37 -5.38 -9.04
C ILE B 109 14.99 -5.68 -9.62
N THR B 110 14.08 -4.71 -9.51
CA THR B 110 12.69 -4.88 -9.91
C THR B 110 12.49 -4.85 -11.42
N ASN B 111 13.35 -4.10 -12.10
CA ASN B 111 13.26 -3.95 -13.56
C ASN B 111 13.27 -5.28 -14.32
N PHE B 112 13.98 -6.26 -13.77
CA PHE B 112 14.05 -7.59 -14.37
C PHE B 112 12.68 -8.26 -14.36
N PHE B 113 11.90 -8.00 -13.32
CA PHE B 113 10.62 -8.68 -13.14
C PHE B 113 9.44 -7.78 -13.56
N ARG B 114 9.74 -6.71 -14.27
CA ARG B 114 8.72 -5.84 -14.83
C ARG B 114 7.86 -6.65 -15.80
N GLY B 115 6.57 -6.31 -15.87
CA GLY B 115 5.59 -7.06 -16.64
C GLY B 115 6.01 -7.50 -18.04
N ASP B 116 6.65 -6.61 -18.78
CA ASP B 116 7.08 -6.92 -20.14
C ASP B 116 8.44 -7.62 -20.15
N ARG B 117 9.29 -7.26 -19.20
CA ARG B 117 10.64 -7.84 -19.09
C ARG B 117 10.57 -9.33 -18.79
N CYS B 118 9.81 -9.70 -17.77
CA CYS B 118 9.65 -11.09 -17.40
C CYS B 118 8.26 -11.59 -17.84
N ARG B 119 8.21 -12.16 -19.03
CA ARG B 119 6.95 -12.64 -19.61
C ARG B 119 6.40 -13.82 -18.82
N SER B 120 7.27 -14.56 -18.15
CA SER B 120 6.88 -15.76 -17.43
C SER B 120 6.12 -15.45 -16.14
N LEU B 121 6.37 -14.27 -15.58
CA LEU B 121 5.72 -13.86 -14.33
C LEU B 121 4.69 -12.76 -14.55
N THR B 122 4.37 -12.47 -15.80
CA THR B 122 3.41 -11.44 -16.14
C THR B 122 2.01 -11.81 -15.65
N GLY B 123 1.43 -10.95 -14.82
CA GLY B 123 0.11 -11.19 -14.26
C GLY B 123 0.20 -11.88 -12.91
N LYS B 124 1.39 -12.34 -12.57
CA LYS B 124 1.62 -13.01 -11.30
C LYS B 124 2.20 -12.05 -10.27
N PRO B 125 1.85 -12.25 -8.99
CA PRO B 125 2.34 -11.37 -7.92
C PRO B 125 3.82 -11.55 -7.64
N LYS B 126 4.53 -10.44 -7.43
CA LYS B 126 5.93 -10.47 -7.05
C LYS B 126 6.10 -9.83 -5.67
N LEU B 127 6.36 -10.65 -4.66
CA LEU B 127 6.45 -10.16 -3.29
C LEU B 127 7.89 -9.85 -2.88
N PHE B 128 8.10 -8.65 -2.37
CA PHE B 128 9.41 -8.24 -1.88
C PHE B 128 9.37 -7.90 -0.39
N ILE B 129 9.83 -8.84 0.43
CA ILE B 129 9.87 -8.64 1.88
C ILE B 129 11.24 -8.09 2.29
N ILE B 130 11.26 -6.83 2.71
CA ILE B 130 12.53 -6.16 3.00
C ILE B 130 12.68 -5.83 4.48
N GLN B 131 13.82 -6.20 5.05
CA GLN B 131 14.14 -5.87 6.44
C GLN B 131 15.45 -5.09 6.51
N ALA B 132 15.34 -3.79 6.75
CA ALA B 132 16.52 -2.94 6.83
C ALA B 132 16.88 -2.64 8.29
N HIS B 155 15.98 7.90 -2.94
CA HIS B 155 15.66 7.03 -4.07
C HIS B 155 14.23 6.51 -3.99
N LYS B 156 13.45 6.79 -5.03
CA LYS B 156 12.04 6.40 -5.07
C LYS B 156 11.86 4.90 -5.14
N ILE B 157 10.61 4.46 -4.99
CA ILE B 157 10.27 3.04 -5.05
C ILE B 157 9.56 2.71 -6.37
N PRO B 158 9.97 1.61 -7.02
CA PRO B 158 9.39 1.20 -8.30
C PRO B 158 7.90 0.90 -8.21
N VAL B 159 7.10 1.67 -8.95
CA VAL B 159 5.66 1.45 -8.99
C VAL B 159 5.27 0.67 -10.24
N GLU B 160 5.30 -0.65 -10.14
CA GLU B 160 4.95 -1.52 -11.25
C GLU B 160 3.81 -2.46 -10.86
N ALA B 161 3.00 -2.85 -11.83
CA ALA B 161 1.84 -3.69 -11.58
C ALA B 161 2.21 -5.06 -11.01
N ASP B 162 1.33 -5.61 -10.18
CA ASP B 162 1.51 -6.92 -9.57
C ASP B 162 2.72 -7.02 -8.65
N PHE B 163 3.27 -5.87 -8.26
CA PHE B 163 4.39 -5.82 -7.33
C PHE B 163 3.92 -5.52 -5.92
N LEU B 164 4.74 -5.85 -4.93
CA LEU B 164 4.39 -5.60 -3.55
C LEU B 164 5.63 -5.48 -2.67
N TYR B 165 5.65 -4.44 -1.83
CA TYR B 165 6.77 -4.25 -0.91
C TYR B 165 6.29 -4.13 0.53
N ALA B 166 6.74 -5.05 1.37
CA ALA B 166 6.45 -5.01 2.79
C ALA B 166 7.73 -4.84 3.59
N TYR B 167 8.13 -3.59 3.84
CA TYR B 167 9.40 -3.34 4.51
C TYR B 167 9.30 -2.67 5.88
N SER B 168 10.19 -3.08 6.78
CA SER B 168 10.32 -2.46 8.09
C SER B 168 11.73 -1.91 8.24
N THR B 169 11.91 -0.96 9.15
CA THR B 169 13.21 -0.34 9.35
C THR B 169 13.49 -0.10 10.83
N GLY B 182 14.91 -13.20 16.66
CA GLY B 182 15.31 -12.37 15.55
C GLY B 182 14.60 -11.04 15.54
N SER B 183 14.41 -10.48 14.34
CA SER B 183 13.72 -9.20 14.21
C SER B 183 12.22 -9.35 14.44
N TRP B 184 11.61 -8.30 14.98
CA TRP B 184 10.19 -8.32 15.32
C TRP B 184 9.29 -8.41 14.10
N PHE B 185 9.70 -7.78 13.00
CA PHE B 185 8.92 -7.77 11.78
C PHE B 185 8.85 -9.16 11.14
N ILE B 186 9.98 -9.86 11.14
CA ILE B 186 10.07 -11.17 10.50
C ILE B 186 9.44 -12.27 11.36
N GLN B 187 9.71 -12.24 12.66
CA GLN B 187 9.20 -13.26 13.57
C GLN B 187 7.67 -13.25 13.65
N SER B 188 7.09 -12.06 13.49
CA SER B 188 5.64 -11.90 13.54
CA SER B 188 5.65 -11.89 13.53
C SER B 188 5.02 -12.24 12.19
N LEU B 189 5.75 -11.96 11.12
CA LEU B 189 5.30 -12.26 9.77
C LEU B 189 5.21 -13.78 9.56
N CYS B 190 6.24 -14.48 10.04
CA CYS B 190 6.27 -15.93 9.95
C CYS B 190 5.16 -16.55 10.78
N ALA B 191 4.89 -15.94 11.93
CA ALA B 191 3.84 -16.42 12.83
C ALA B 191 2.46 -16.22 12.23
N MET B 192 2.30 -15.14 11.49
CA MET B 192 1.02 -14.84 10.83
C MET B 192 0.83 -15.71 9.58
N LEU B 193 1.91 -15.95 8.86
CA LEU B 193 1.86 -16.81 7.68
C LEU B 193 1.69 -18.26 8.08
N LYS B 194 2.10 -18.61 9.30
CA LYS B 194 1.97 -19.96 9.79
C LYS B 194 0.53 -20.25 10.22
N GLN B 195 -0.19 -19.18 10.57
CA GLN B 195 -1.53 -19.34 11.14
C GLN B 195 -2.64 -18.88 10.20
N TYR B 196 -2.38 -17.86 9.39
CA TYR B 196 -3.44 -17.25 8.59
C TYR B 196 -3.26 -17.35 7.07
N ALA B 197 -2.32 -18.17 6.62
CA ALA B 197 -2.08 -18.32 5.18
C ALA B 197 -3.24 -19.04 4.50
N ASP B 198 -3.86 -19.97 5.23
CA ASP B 198 -4.97 -20.75 4.69
C ASP B 198 -6.32 -20.16 5.08
N LYS B 199 -6.30 -18.90 5.53
CA LYS B 199 -7.52 -18.24 5.96
C LYS B 199 -7.63 -16.84 5.35
N LEU B 200 -6.74 -15.95 5.75
CA LEU B 200 -6.81 -14.55 5.36
C LEU B 200 -6.09 -14.27 4.05
N GLU B 201 -6.47 -13.18 3.39
CA GLU B 201 -5.77 -12.72 2.20
C GLU B 201 -4.47 -12.05 2.65
N PHE B 202 -3.50 -11.93 1.75
CA PHE B 202 -2.18 -11.45 2.11
C PHE B 202 -2.15 -10.03 2.70
N MET B 203 -3.08 -9.17 2.27
CA MET B 203 -3.14 -7.82 2.82
C MET B 203 -3.63 -7.85 4.26
N HIS B 204 -4.53 -8.78 4.54
CA HIS B 204 -5.05 -8.94 5.89
C HIS B 204 -4.00 -9.59 6.78
N ILE B 205 -3.19 -10.47 6.21
CA ILE B 205 -2.09 -11.07 6.94
C ILE B 205 -1.02 -10.04 7.29
N LEU B 206 -0.67 -9.21 6.31
CA LEU B 206 0.30 -8.14 6.52
C LEU B 206 -0.21 -7.08 7.47
N THR B 207 -1.54 -6.95 7.55
CA THR B 207 -2.16 -5.99 8.45
C THR B 207 -2.04 -6.45 9.90
N ARG B 208 -2.17 -7.76 10.12
CA ARG B 208 -2.00 -8.33 11.45
C ARG B 208 -0.57 -8.14 11.92
N VAL B 209 0.37 -8.20 10.97
CA VAL B 209 1.78 -7.96 11.27
C VAL B 209 1.97 -6.51 11.71
N ASN B 210 1.35 -5.58 10.99
CA ASN B 210 1.42 -4.17 11.32
C ASN B 210 0.90 -3.88 12.73
N ARG B 211 -0.16 -4.57 13.12
CA ARG B 211 -0.73 -4.39 14.45
C ARG B 211 0.13 -5.08 15.51
N LYS B 212 0.66 -6.25 15.17
CA LYS B 212 1.45 -7.02 16.12
C LYS B 212 2.79 -6.36 16.42
N VAL B 213 3.44 -5.83 15.38
CA VAL B 213 4.71 -5.15 15.55
C VAL B 213 4.54 -3.83 16.31
N ALA B 214 3.52 -3.06 15.93
CA ALA B 214 3.23 -1.79 16.59
C ALA B 214 2.90 -2.01 18.06
N THR B 215 2.25 -3.13 18.35
CA THR B 215 1.92 -3.51 19.72
C THR B 215 3.20 -3.78 20.52
N GLU B 216 4.15 -4.47 19.89
CA GLU B 216 5.42 -4.78 20.52
C GLU B 216 6.22 -3.51 20.82
N PHE B 217 6.08 -2.50 19.96
CA PHE B 217 6.78 -1.24 20.15
C PHE B 217 6.15 -0.41 21.28
N GLU B 218 4.89 -0.66 21.57
CA GLU B 218 4.20 0.04 22.65
C GLU B 218 4.74 -0.39 24.01
N SER B 219 5.01 -1.68 24.16
CA SER B 219 5.53 -2.22 25.40
C SER B 219 7.05 -2.31 25.36
N GLN B 231 7.16 3.85 15.07
CA GLN B 231 7.72 2.90 14.11
C GLN B 231 6.76 1.77 13.81
N ILE B 232 6.61 1.45 12.52
CA ILE B 232 5.68 0.44 12.06
C ILE B 232 6.07 0.00 10.64
N PRO B 233 5.93 -1.30 10.34
CA PRO B 233 6.16 -1.81 8.98
C PRO B 233 5.34 -1.07 7.93
N CYS B 234 5.78 -1.12 6.68
CA CYS B 234 5.12 -0.39 5.60
C CYS B 234 4.73 -1.32 4.46
N ILE B 235 3.49 -1.20 4.00
CA ILE B 235 2.99 -2.02 2.90
C ILE B 235 2.79 -1.20 1.64
N VAL B 236 3.56 -1.51 0.60
CA VAL B 236 3.41 -0.83 -0.69
C VAL B 236 2.79 -1.79 -1.70
N SER B 237 1.48 -1.63 -1.93
CA SER B 237 0.74 -2.57 -2.76
C SER B 237 0.41 -2.04 -4.16
N MET B 238 0.79 -2.82 -5.16
CA MET B 238 0.41 -2.53 -6.54
C MET B 238 -0.29 -3.74 -7.15
N LEU B 239 -0.73 -4.66 -6.28
CA LEU B 239 -1.43 -5.86 -6.72
C LEU B 239 -2.77 -5.51 -7.36
N THR B 240 -3.14 -6.24 -8.40
CA THR B 240 -4.40 -6.00 -9.10
C THR B 240 -5.46 -7.03 -8.70
N LYS B 241 -5.05 -8.05 -7.96
CA LYS B 241 -5.97 -9.09 -7.50
C LYS B 241 -5.67 -9.48 -6.06
N GLU B 242 -6.60 -10.20 -5.44
CA GLU B 242 -6.41 -10.69 -4.08
C GLU B 242 -5.46 -11.88 -4.08
N LEU B 243 -4.70 -12.03 -3.00
CA LEU B 243 -3.70 -13.09 -2.92
C LEU B 243 -3.97 -14.06 -1.77
N TYR B 244 -4.27 -15.31 -2.12
CA TYR B 244 -4.47 -16.36 -1.13
C TYR B 244 -3.45 -17.47 -1.32
N PHE B 245 -2.85 -17.92 -0.22
CA PHE B 245 -1.81 -18.95 -0.27
C PHE B 245 -2.40 -20.35 -0.22
N TYR B 246 -3.60 -20.52 -0.77
CA TYR B 246 -4.25 -21.83 -0.81
C TYR B 246 -5.23 -21.93 -1.97
N HIS B 247 -5.54 -23.16 -2.38
CA HIS B 247 -6.48 -23.39 -3.46
C HIS B 247 -7.31 -24.64 -3.21
#